data_3HQG
#
_entry.id   3HQG
#
_cell.length_a   77.054
_cell.length_b   57.971
_cell.length_c   61.010
_cell.angle_alpha   90.00
_cell.angle_beta   90.00
_cell.angle_gamma   90.00
#
_symmetry.space_group_name_H-M   'P 21 21 2'
#
loop_
_entity.id
_entity.type
_entity.pdbx_description
1 polymer 'Type-2 restriction enzyme EcoRII'
2 polymer "5'-D(*TP*CP*GP*AP*CP*CP*AP*GP*GP*CP*TP*A)-3'"
3 polymer "5'-D(*TP*AP*GP*CP*CP*TP*GP*GP*TP*CP*GP*A)-3'"
4 non-polymer GLYCEROL
5 water water
#
loop_
_entity_poly.entity_id
_entity_poly.type
_entity_poly.pdbx_seq_one_letter_code
_entity_poly.pdbx_strand_id
1 'polypeptide(L)'
;YILPEDWHLRFPSGSEIIQYAASHYVKNSLDPDEQLLDRRRVEYDIFLLVEELHVLDIIRKGFGSVDEFIALANSVSNRR
KSRAGKSLELHLEHLFIEHGLRHFATQAITEGNKKPDFLFPSAGAYHDTEFPVENLRMLAVKTTCKDRWRQILNEADKIH
QVHLFTLQEGVSLAQYREMRESGVRLVVPSSLHKKYPEAVRAELMTLGAFIAELTGLYADIP
;
A
2 'polydeoxyribonucleotide' (DT)(DC)(DG)(DA)(DC)(DC)(DA)(DG)(DG)(DC)(DT)(DA) B
3 'polydeoxyribonucleotide' (DT)(DA)(DG)(DC)(DC)(DT)(DG)(DG)(DT)(DC)(DG)(DA) C
#
loop_
_chem_comp.id
_chem_comp.type
_chem_comp.name
_chem_comp.formula
DA DNA linking 2'-DEOXYADENOSINE-5'-MONOPHOSPHATE 'C10 H14 N5 O6 P'
DC DNA linking 2'-DEOXYCYTIDINE-5'-MONOPHOSPHATE 'C9 H14 N3 O7 P'
DG DNA linking 2'-DEOXYGUANOSINE-5'-MONOPHOSPHATE 'C10 H14 N5 O7 P'
DT DNA linking THYMIDINE-5'-MONOPHOSPHATE 'C10 H15 N2 O8 P'
GOL non-polymer GLYCEROL 'C3 H8 O3'
#
# COMPACT_ATOMS: atom_id res chain seq x y z
N TYR A 1 -12.31 1.52 -22.67
CA TYR A 1 -11.01 2.19 -22.34
C TYR A 1 -10.03 2.22 -23.53
N ILE A 2 -10.10 1.19 -24.37
CA ILE A 2 -9.07 0.84 -25.37
C ILE A 2 -7.64 0.74 -24.80
N LEU A 3 -7.20 -0.51 -24.63
CA LEU A 3 -5.94 -0.85 -23.98
C LEU A 3 -4.76 -0.84 -24.95
N PRO A 4 -3.52 -0.75 -24.43
CA PRO A 4 -2.32 -0.91 -25.27
C PRO A 4 -2.30 -2.25 -26.01
N GLU A 5 -1.62 -2.26 -27.15
CA GLU A 5 -1.73 -3.34 -28.14
C GLU A 5 -1.43 -4.75 -27.63
N ASP A 6 -0.32 -4.92 -26.91
CA ASP A 6 0.18 -6.25 -26.55
C ASP A 6 -0.39 -6.82 -25.24
N TRP A 7 -1.27 -6.05 -24.60
CA TRP A 7 -1.88 -6.42 -23.32
C TRP A 7 -2.78 -7.66 -23.40
N HIS A 8 -3.51 -7.78 -24.52
CA HIS A 8 -4.33 -8.96 -24.82
C HIS A 8 -3.48 -10.22 -24.74
N LEU A 9 -2.23 -10.11 -25.21
CA LEU A 9 -1.29 -11.21 -25.21
C LEU A 9 -0.51 -11.29 -23.88
N ARG A 10 0.44 -10.38 -23.69
CA ARG A 10 1.28 -10.35 -22.50
C ARG A 10 0.61 -9.54 -21.39
N PHE A 11 0.50 -10.14 -20.20
CA PHE A 11 -0.12 -9.49 -19.05
C PHE A 11 0.84 -8.44 -18.48
N PRO A 12 0.43 -7.15 -18.50
CA PRO A 12 1.30 -6.03 -18.12
C PRO A 12 1.73 -6.06 -16.66
N SER A 13 2.79 -5.31 -16.35
CA SER A 13 3.27 -5.20 -14.98
C SER A 13 2.44 -4.20 -14.20
N GLY A 14 2.67 -4.15 -12.88
CA GLY A 14 2.00 -3.20 -12.00
C GLY A 14 2.25 -1.75 -12.36
N SER A 15 3.51 -1.43 -12.65
CA SER A 15 3.87 -0.07 -13.06
C SER A 15 3.25 0.30 -14.41
N GLU A 16 3.16 -0.67 -15.31
CA GLU A 16 2.58 -0.47 -16.64
C GLU A 16 1.08 -0.19 -16.62
N ILE A 17 0.34 -0.94 -15.80
CA ILE A 17 -1.09 -0.71 -15.60
C ILE A 17 -1.32 0.71 -15.08
N ILE A 18 -0.56 1.10 -14.06
CA ILE A 18 -0.68 2.42 -13.44
C ILE A 18 -0.22 3.53 -14.40
N GLN A 19 0.89 3.30 -15.10
CA GLN A 19 1.38 4.25 -16.10
C GLN A 19 0.30 4.56 -17.13
N TYR A 20 -0.42 3.52 -17.57
CA TYR A 20 -1.56 3.70 -18.46
C TYR A 20 -2.74 4.36 -17.73
N ALA A 21 -3.02 3.90 -16.52
CA ALA A 21 -4.14 4.39 -15.70
C ALA A 21 -4.06 5.87 -15.38
N ALA A 22 -2.84 6.40 -15.30
CA ALA A 22 -2.58 7.80 -14.95
C ALA A 22 -3.21 8.78 -15.93
N SER A 23 -3.19 8.41 -17.22
CA SER A 23 -3.80 9.23 -18.26
C SER A 23 -5.33 9.13 -18.25
N HIS A 24 -5.88 8.45 -17.24
CA HIS A 24 -7.33 8.29 -17.09
C HIS A 24 -7.86 8.64 -15.69
N TYR A 25 -7.07 9.39 -14.91
CA TYR A 25 -7.50 9.84 -13.58
C TYR A 25 -8.58 10.92 -13.68
N VAL A 26 -9.40 11.05 -12.64
CA VAL A 26 -10.49 12.04 -12.63
C VAL A 26 -9.97 13.49 -12.67
N LYS A 27 -9.13 13.84 -11.70
CA LYS A 27 -8.56 15.19 -11.58
C LYS A 27 -9.60 16.21 -11.07
N ASN A 28 -9.27 16.95 -10.01
CA ASN A 28 -7.99 16.85 -9.33
C ASN A 28 -8.13 16.29 -7.91
N SER A 29 -9.11 16.81 -7.17
CA SER A 29 -9.34 16.46 -5.75
C SER A 29 -8.01 16.37 -5.02
N LEU A 30 -7.30 17.50 -4.96
CA LEU A 30 -5.89 17.54 -4.54
C LEU A 30 -5.57 16.94 -3.16
N ASP A 31 -6.61 16.52 -2.44
CA ASP A 31 -6.41 15.81 -1.18
C ASP A 31 -5.76 14.46 -1.49
N PRO A 32 -4.63 14.15 -0.82
CA PRO A 32 -3.93 12.88 -1.03
C PRO A 32 -4.78 11.64 -0.72
N ASP A 33 -5.63 11.74 0.31
CA ASP A 33 -6.55 10.66 0.68
C ASP A 33 -7.58 10.35 -0.40
N GLU A 34 -8.11 11.41 -1.03
CA GLU A 34 -9.04 11.30 -2.16
C GLU A 34 -8.35 10.69 -3.37
N GLN A 35 -7.18 11.24 -3.71
CA GLN A 35 -6.38 10.81 -4.86
C GLN A 35 -6.04 9.31 -4.87
N LEU A 36 -5.61 8.78 -3.73
CA LEU A 36 -5.28 7.37 -3.62
C LEU A 36 -6.48 6.49 -3.97
N LEU A 37 -7.55 6.65 -3.20
CA LEU A 37 -8.78 5.88 -3.38
C LEU A 37 -9.32 5.95 -4.80
N ASP A 38 -9.17 7.12 -5.42
CA ASP A 38 -9.58 7.30 -6.80
C ASP A 38 -8.67 6.57 -7.78
N ARG A 39 -7.36 6.75 -7.62
CA ARG A 39 -6.37 6.11 -8.49
C ARG A 39 -6.42 4.59 -8.37
N ARG A 40 -6.77 4.10 -7.18
CA ARG A 40 -6.96 2.68 -6.94
C ARG A 40 -8.15 2.18 -7.74
N ARG A 41 -9.28 2.88 -7.61
CA ARG A 41 -10.51 2.54 -8.30
C ARG A 41 -10.35 2.52 -9.82
N VAL A 42 -9.66 3.52 -10.36
CA VAL A 42 -9.38 3.58 -11.80
C VAL A 42 -8.47 2.44 -12.23
N GLU A 43 -7.38 2.21 -11.48
CA GLU A 43 -6.46 1.12 -11.75
C GLU A 43 -7.15 -0.24 -11.73
N TYR A 44 -8.00 -0.45 -10.73
CA TYR A 44 -8.68 -1.73 -10.55
C TYR A 44 -9.60 -2.05 -11.73
N ASP A 45 -10.38 -1.06 -12.17
CA ASP A 45 -11.32 -1.22 -13.29
C ASP A 45 -10.62 -1.63 -14.58
N ILE A 46 -9.42 -1.08 -14.80
CA ILE A 46 -8.59 -1.48 -15.93
C ILE A 46 -8.10 -2.91 -15.72
N PHE A 47 -7.63 -3.22 -14.52
CA PHE A 47 -7.18 -4.57 -14.19
C PHE A 47 -8.28 -5.61 -14.43
N LEU A 48 -9.50 -5.32 -14.00
CA LEU A 48 -10.63 -6.23 -14.18
C LEU A 48 -10.79 -6.63 -15.65
N LEU A 49 -10.65 -5.64 -16.53
CA LEU A 49 -10.83 -5.83 -17.97
C LEU A 49 -9.71 -6.66 -18.61
N VAL A 50 -8.46 -6.40 -18.21
CA VAL A 50 -7.31 -7.16 -18.67
C VAL A 50 -7.44 -8.61 -18.22
N GLU A 51 -7.87 -8.80 -16.97
CA GLU A 51 -8.08 -10.12 -16.39
C GLU A 51 -9.10 -10.91 -17.20
N GLU A 52 -10.19 -10.25 -17.59
CA GLU A 52 -11.28 -10.88 -18.34
C GLU A 52 -10.81 -11.42 -19.69
N LEU A 53 -9.95 -10.65 -20.37
CA LEU A 53 -9.44 -11.04 -21.69
C LEU A 53 -8.49 -12.24 -21.63
N HIS A 54 -8.10 -12.62 -20.41
CA HIS A 54 -7.22 -13.76 -20.19
C HIS A 54 -7.94 -14.99 -19.63
N VAL A 55 -9.09 -14.79 -18.98
CA VAL A 55 -9.79 -15.89 -18.30
C VAL A 55 -11.21 -16.19 -18.76
N LEU A 56 -11.97 -15.15 -19.14
CA LEU A 56 -13.40 -15.30 -19.43
C LEU A 56 -13.73 -16.45 -20.40
N ASP A 57 -12.89 -16.63 -21.41
CA ASP A 57 -13.06 -17.72 -22.37
C ASP A 57 -12.88 -19.10 -21.71
N ILE A 58 -11.92 -19.19 -20.79
CA ILE A 58 -11.64 -20.42 -20.05
C ILE A 58 -12.70 -20.67 -18.98
N ILE A 59 -13.24 -19.56 -18.44
CA ILE A 59 -14.25 -19.60 -17.39
C ILE A 59 -15.54 -20.27 -17.85
N ARG A 60 -15.97 -19.96 -19.06
CA ARG A 60 -17.26 -20.39 -19.58
C ARG A 60 -17.32 -21.89 -19.92
N LYS A 61 -16.27 -22.41 -20.53
CA LYS A 61 -16.26 -23.81 -21.01
C LYS A 61 -16.05 -24.86 -19.91
N GLY A 62 -16.27 -24.47 -18.65
CA GLY A 62 -16.29 -25.39 -17.51
C GLY A 62 -15.00 -26.16 -17.22
N PHE A 63 -15.05 -26.99 -16.19
CA PHE A 63 -13.89 -27.79 -15.79
C PHE A 63 -14.29 -29.25 -15.58
N GLY A 64 -13.44 -30.15 -16.04
CA GLY A 64 -13.69 -31.59 -15.99
C GLY A 64 -13.55 -32.21 -14.61
N SER A 65 -12.69 -31.62 -13.78
CA SER A 65 -12.47 -32.09 -12.41
C SER A 65 -12.10 -30.95 -11.46
N VAL A 66 -12.09 -31.23 -10.17
CA VAL A 66 -11.73 -30.26 -9.14
C VAL A 66 -10.29 -29.77 -9.31
N ASP A 67 -9.36 -30.72 -9.50
CA ASP A 67 -7.94 -30.41 -9.69
C ASP A 67 -7.66 -29.45 -10.85
N GLU A 68 -8.50 -29.50 -11.88
CA GLU A 68 -8.42 -28.57 -12.99
C GLU A 68 -8.93 -27.19 -12.57
N PHE A 69 -10.09 -27.17 -11.94
CA PHE A 69 -10.74 -25.93 -11.50
C PHE A 69 -9.83 -25.16 -10.56
N ILE A 70 -9.33 -25.85 -9.55
CA ILE A 70 -8.64 -25.23 -8.42
C ILE A 70 -7.26 -24.67 -8.78
N ALA A 71 -6.67 -25.18 -9.87
CA ALA A 71 -5.37 -24.74 -10.34
C ALA A 71 -5.46 -23.31 -10.89
N LEU A 72 -6.49 -23.07 -11.70
CA LEU A 72 -6.74 -21.73 -12.24
C LEU A 72 -7.37 -20.86 -11.15
N ALA A 73 -8.25 -21.46 -10.35
CA ALA A 73 -8.85 -20.77 -9.19
C ALA A 73 -7.79 -20.15 -8.30
N ASN A 74 -6.80 -20.94 -7.90
CA ASN A 74 -5.68 -20.44 -7.10
C ASN A 74 -4.81 -19.45 -7.87
N SER A 75 -4.50 -19.77 -9.12
CA SER A 75 -3.70 -18.91 -9.99
C SER A 75 -4.30 -17.52 -10.07
N VAL A 76 -5.60 -17.44 -10.39
CA VAL A 76 -6.28 -16.16 -10.56
C VAL A 76 -6.39 -15.40 -9.23
N SER A 77 -6.80 -16.09 -8.17
CA SER A 77 -6.86 -15.51 -6.83
C SER A 77 -5.50 -14.89 -6.46
N ASN A 78 -4.43 -15.66 -6.68
CA ASN A 78 -3.10 -15.24 -6.32
C ASN A 78 -2.45 -14.23 -7.26
N ARG A 79 -3.02 -14.07 -8.45
CA ARG A 79 -2.62 -12.97 -9.32
C ARG A 79 -3.10 -11.68 -8.67
N ARG A 80 -4.38 -11.64 -8.31
CA ARG A 80 -4.97 -10.49 -7.64
C ARG A 80 -4.24 -10.12 -6.35
N LYS A 81 -3.89 -11.14 -5.56
CA LYS A 81 -3.23 -10.92 -4.29
C LYS A 81 -1.88 -10.24 -4.47
N SER A 82 -1.03 -10.78 -5.32
CA SER A 82 0.29 -10.23 -5.58
C SER A 82 0.24 -8.81 -6.12
N ARG A 83 -0.73 -8.55 -6.99
CA ARG A 83 -0.81 -7.27 -7.70
C ARG A 83 -1.47 -6.18 -6.88
N ALA A 84 -2.44 -6.56 -6.06
CA ALA A 84 -3.11 -5.61 -5.16
C ALA A 84 -2.11 -4.95 -4.24
N GLY A 85 -1.19 -5.74 -3.69
CA GLY A 85 -0.20 -5.27 -2.72
C GLY A 85 0.82 -4.32 -3.32
N LYS A 86 1.37 -4.69 -4.47
CA LYS A 86 2.34 -3.85 -5.19
C LYS A 86 1.70 -2.55 -5.64
N SER A 87 0.45 -2.62 -6.07
CA SER A 87 -0.32 -1.45 -6.49
C SER A 87 -0.33 -0.35 -5.44
N LEU A 88 -0.66 -0.71 -4.20
CA LEU A 88 -0.75 0.24 -3.10
C LEU A 88 0.60 0.88 -2.78
N GLU A 89 1.65 0.05 -2.79
CA GLU A 89 3.05 0.53 -2.64
C GLU A 89 3.34 1.63 -3.66
N LEU A 90 3.10 1.31 -4.93
CA LEU A 90 3.34 2.23 -6.03
C LEU A 90 2.55 3.52 -5.88
N HIS A 91 1.24 3.40 -5.63
CA HIS A 91 0.38 4.58 -5.49
C HIS A 91 0.84 5.52 -4.38
N LEU A 92 1.46 4.98 -3.33
CA LEU A 92 1.91 5.82 -2.22
C LEU A 92 3.23 6.48 -2.55
N GLU A 93 4.07 5.75 -3.28
CA GLU A 93 5.37 6.25 -3.74
C GLU A 93 5.16 7.47 -4.63
N HIS A 94 4.25 7.33 -5.59
CA HIS A 94 3.89 8.42 -6.49
C HIS A 94 3.31 9.61 -5.73
N LEU A 95 2.46 9.34 -4.74
CA LEU A 95 1.84 10.40 -3.96
C LEU A 95 2.84 11.15 -3.08
N PHE A 96 3.81 10.44 -2.50
CA PHE A 96 4.86 11.08 -1.72
C PHE A 96 5.63 12.10 -2.55
N ILE A 97 6.05 11.69 -3.76
CA ILE A 97 6.81 12.57 -4.65
C ILE A 97 5.98 13.80 -5.08
N GLU A 98 4.70 13.56 -5.37
CA GLU A 98 3.81 14.61 -5.89
C GLU A 98 3.41 15.64 -4.84
N HIS A 99 3.52 15.28 -3.56
CA HIS A 99 3.08 16.14 -2.46
C HIS A 99 4.22 16.70 -1.62
N GLY A 100 5.43 16.57 -2.13
CA GLY A 100 6.61 17.21 -1.54
C GLY A 100 7.47 16.32 -0.67
N LEU A 101 7.03 15.09 -0.46
CA LEU A 101 7.79 14.13 0.34
C LEU A 101 8.82 13.41 -0.53
N ARG A 102 10.02 13.98 -0.63
CA ARG A 102 11.10 13.44 -1.45
C ARG A 102 12.02 12.56 -0.60
N HIS A 103 11.97 12.77 0.71
CA HIS A 103 12.83 12.06 1.65
C HIS A 103 12.24 10.72 2.11
N PHE A 104 12.46 9.69 1.30
CA PHE A 104 12.08 8.31 1.65
C PHE A 104 12.88 7.29 0.85
N ALA A 105 13.13 6.14 1.46
CA ALA A 105 13.83 5.05 0.79
C ALA A 105 12.87 3.89 0.56
N THR A 106 12.84 3.40 -0.69
CA THR A 106 11.94 2.32 -1.07
C THR A 106 12.47 0.94 -0.63
N GLN A 107 13.65 0.56 -1.10
CA GLN A 107 14.17 -0.79 -0.84
C GLN A 107 15.22 -0.80 0.29
N ALA A 108 14.99 0.04 1.29
CA ALA A 108 15.99 0.30 2.33
C ALA A 108 16.31 -0.90 3.20
N ILE A 109 17.61 -1.16 3.34
CA ILE A 109 18.13 -2.20 4.20
C ILE A 109 18.24 -1.64 5.62
N THR A 110 17.63 -2.33 6.59
CA THR A 110 17.68 -1.91 7.98
C THR A 110 18.75 -2.66 8.77
N GLU A 111 18.41 -3.85 9.26
CA GLU A 111 19.34 -4.67 10.04
C GLU A 111 20.04 -5.72 9.18
N GLY A 112 19.56 -5.88 7.95
CA GLY A 112 20.13 -6.83 7.01
C GLY A 112 19.17 -7.91 6.59
N ASN A 113 18.07 -8.04 7.34
CA ASN A 113 17.06 -9.05 7.04
C ASN A 113 15.84 -8.42 6.41
N LYS A 114 14.86 -8.10 7.25
CA LYS A 114 13.60 -7.51 6.79
C LYS A 114 13.81 -6.11 6.21
N LYS A 115 13.15 -5.84 5.09
CA LYS A 115 13.17 -4.51 4.49
C LYS A 115 11.74 -3.92 4.45
N PRO A 116 11.52 -2.80 5.17
CA PRO A 116 10.24 -2.10 5.20
C PRO A 116 9.86 -1.44 3.88
N ASP A 117 8.56 -1.39 3.62
CA ASP A 117 8.03 -0.76 2.41
C ASP A 117 8.59 0.66 2.23
N PHE A 118 8.56 1.44 3.30
CA PHE A 118 9.08 2.80 3.28
C PHE A 118 9.88 3.13 4.55
N LEU A 119 11.05 3.75 4.35
CA LEU A 119 11.89 4.23 5.44
C LEU A 119 12.14 5.72 5.29
N PHE A 120 12.14 6.44 6.41
CA PHE A 120 12.24 7.90 6.41
C PHE A 120 13.28 8.40 7.42
N PRO A 121 14.05 9.44 7.07
CA PRO A 121 14.05 10.13 5.77
C PRO A 121 15.00 9.50 4.77
N SER A 122 15.86 8.60 5.25
CA SER A 122 16.92 8.01 4.43
C SER A 122 17.37 6.68 4.98
N ALA A 123 17.78 5.80 4.08
CA ALA A 123 18.51 4.60 4.46
C ALA A 123 19.78 5.01 5.21
N GLY A 124 20.40 6.10 4.75
CA GLY A 124 21.61 6.65 5.35
C GLY A 124 21.38 7.20 6.74
N ALA A 125 20.36 8.06 6.88
CA ALA A 125 20.04 8.65 8.18
C ALA A 125 19.72 7.59 9.23
N TYR A 126 19.13 6.48 8.79
CA TYR A 126 18.81 5.34 9.65
C TYR A 126 20.07 4.71 10.25
N HIS A 127 21.13 4.65 9.46
CA HIS A 127 22.42 4.13 9.92
C HIS A 127 23.35 5.24 10.44
N ASP A 128 22.90 6.48 10.32
CA ASP A 128 23.65 7.62 10.82
C ASP A 128 23.50 7.67 12.33
N THR A 129 24.62 7.44 13.02
CA THR A 129 24.65 7.28 14.47
C THR A 129 24.37 8.59 15.24
N GLU A 130 24.29 9.70 14.51
CA GLU A 130 24.06 11.02 15.11
C GLU A 130 22.79 11.70 14.59
N PHE A 131 22.00 10.96 13.83
CA PHE A 131 20.66 11.38 13.46
C PHE A 131 19.71 11.00 14.61
N PRO A 132 18.89 11.95 15.08
CA PRO A 132 18.00 11.69 16.21
C PRO A 132 17.01 10.55 15.92
N VAL A 133 17.23 9.42 16.58
CA VAL A 133 16.43 8.21 16.37
C VAL A 133 14.90 8.41 16.45
N GLU A 134 14.46 9.39 17.24
CA GLU A 134 13.03 9.71 17.35
C GLU A 134 12.47 10.44 16.13
N ASN A 135 13.34 10.94 15.26
CA ASN A 135 12.92 11.57 13.99
C ASN A 135 12.84 10.58 12.82
N LEU A 136 13.28 9.36 13.07
CA LEU A 136 13.14 8.26 12.11
C LEU A 136 11.69 7.83 11.97
N ARG A 137 11.28 7.48 10.75
CA ARG A 137 9.94 6.94 10.51
C ARG A 137 10.00 5.73 9.57
N MET A 138 9.01 4.85 9.73
CA MET A 138 8.88 3.66 8.90
C MET A 138 7.41 3.42 8.56
N LEU A 139 7.14 3.11 7.30
CA LEU A 139 5.78 2.82 6.86
C LEU A 139 5.62 1.45 6.23
N ALA A 140 5.00 0.54 6.98
CA ALA A 140 4.53 -0.72 6.43
C ALA A 140 3.21 -0.46 5.74
N VAL A 141 2.98 -1.17 4.64
CA VAL A 141 1.80 -1.01 3.83
C VAL A 141 1.12 -2.37 3.71
N LYS A 142 -0.15 -2.44 4.12
CA LYS A 142 -0.98 -3.64 3.94
C LYS A 142 -2.39 -3.27 3.46
N THR A 143 -2.78 -3.73 2.27
CA THR A 143 -4.14 -3.46 1.76
C THR A 143 -5.17 -3.94 2.77
N THR A 144 -5.01 -5.20 3.21
CA THR A 144 -5.75 -5.72 4.35
C THR A 144 -4.76 -6.25 5.38
N CYS A 145 -5.09 -6.08 6.65
CA CYS A 145 -4.25 -6.53 7.75
C CYS A 145 -4.59 -7.96 8.17
N LYS A 146 -5.81 -8.14 8.68
CA LYS A 146 -6.23 -9.39 9.29
C LYS A 146 -5.19 -9.87 10.31
N ASP A 147 -4.80 -11.14 10.20
CA ASP A 147 -3.78 -11.72 11.06
C ASP A 147 -2.36 -11.30 10.62
N ARG A 148 -2.24 -10.87 9.38
CA ARG A 148 -0.93 -10.63 8.76
C ARG A 148 -0.15 -9.43 9.28
N TRP A 149 -0.80 -8.53 10.02
CA TRP A 149 -0.15 -7.30 10.51
C TRP A 149 1.07 -7.53 11.38
N ARG A 150 1.07 -8.62 12.15
CA ARG A 150 2.16 -8.92 13.09
C ARG A 150 3.47 -9.24 12.38
N GLN A 151 3.39 -9.45 11.07
CA GLN A 151 4.58 -9.71 10.24
CA GLN A 151 4.56 -9.71 10.24
C GLN A 151 5.36 -8.44 9.97
N ILE A 152 4.78 -7.28 10.31
CA ILE A 152 5.46 -6.01 10.05
C ILE A 152 6.33 -5.55 11.21
N LEU A 153 6.21 -6.20 12.36
CA LEU A 153 6.88 -5.72 13.58
C LEU A 153 8.37 -5.36 13.41
N ASN A 154 9.27 -6.23 13.88
CA ASN A 154 10.69 -5.89 13.98
C ASN A 154 11.43 -5.69 12.65
N GLU A 155 10.81 -4.95 11.73
CA GLU A 155 11.45 -4.59 10.46
C GLU A 155 12.47 -3.47 10.66
N ALA A 156 12.38 -2.76 11.77
CA ALA A 156 13.28 -1.67 12.08
C ALA A 156 13.48 -1.60 13.58
N ASP A 157 14.35 -2.48 14.07
CA ASP A 157 14.68 -2.56 15.49
C ASP A 157 14.86 -1.18 16.12
N LYS A 158 15.38 -0.25 15.34
CA LYS A 158 15.75 1.08 15.80
C LYS A 158 14.52 1.99 15.99
N ILE A 159 13.42 1.67 15.31
CA ILE A 159 12.19 2.44 15.39
C ILE A 159 11.11 1.64 16.13
N HIS A 160 10.61 2.21 17.24
CA HIS A 160 9.59 1.55 18.06
C HIS A 160 8.17 2.02 17.73
N GLN A 161 8.02 3.31 17.45
CA GLN A 161 6.77 3.82 16.90
C GLN A 161 6.75 3.63 15.40
N VAL A 162 6.07 2.58 14.96
CA VAL A 162 5.98 2.24 13.55
C VAL A 162 4.59 2.54 12.99
N HIS A 163 4.56 2.95 11.72
CA HIS A 163 3.32 3.27 11.05
C HIS A 163 2.89 2.16 10.09
N LEU A 164 1.62 1.80 10.18
CA LEU A 164 1.04 0.85 9.25
C LEU A 164 -0.06 1.52 8.43
N PHE A 165 0.09 1.48 7.12
CA PHE A 165 -0.93 2.01 6.23
C PHE A 165 -1.81 0.87 5.71
N THR A 166 -3.13 1.05 5.82
CA THR A 166 -4.05 0.02 5.39
C THR A 166 -5.38 0.54 4.84
N LEU A 167 -6.00 -0.27 3.98
CA LEU A 167 -7.29 0.06 3.38
C LEU A 167 -8.42 -0.78 3.96
N GLN A 168 -8.15 -1.48 5.07
CA GLN A 168 -9.12 -2.39 5.65
C GLN A 168 -10.32 -1.63 6.18
N GLU A 169 -11.51 -2.18 5.89
CA GLU A 169 -12.78 -1.56 6.29
C GLU A 169 -13.07 -1.84 7.76
N GLY A 170 -12.23 -1.28 8.62
CA GLY A 170 -12.39 -1.40 10.05
C GLY A 170 -11.49 -2.47 10.64
N VAL A 171 -10.70 -2.06 11.64
CA VAL A 171 -9.98 -3.00 12.47
C VAL A 171 -10.69 -3.04 13.81
N SER A 172 -10.99 -4.25 14.27
CA SER A 172 -11.58 -4.52 15.57
C SER A 172 -10.85 -3.78 16.70
N LEU A 173 -11.63 -3.38 17.70
CA LEU A 173 -11.09 -2.67 18.86
C LEU A 173 -10.07 -3.52 19.62
N ALA A 174 -10.38 -4.79 19.84
CA ALA A 174 -9.46 -5.75 20.46
C ALA A 174 -8.16 -5.84 19.66
N GLN A 175 -8.30 -5.87 18.34
CA GLN A 175 -7.17 -5.97 17.44
C GLN A 175 -6.38 -4.68 17.41
N TYR A 176 -7.06 -3.55 17.59
CA TYR A 176 -6.38 -2.27 17.60
C TYR A 176 -5.54 -2.09 18.86
N ARG A 177 -6.04 -2.60 19.99
CA ARG A 177 -5.30 -2.53 21.26
C ARG A 177 -3.95 -3.25 21.17
N GLU A 178 -3.95 -4.44 20.55
CA GLU A 178 -2.73 -5.20 20.30
C GLU A 178 -1.73 -4.40 19.47
N MET A 179 -2.25 -3.72 18.44
CA MET A 179 -1.45 -2.87 17.57
C MET A 179 -0.79 -1.71 18.33
N ARG A 180 -1.56 -1.07 19.21
CA ARG A 180 -1.03 0.02 20.03
C ARG A 180 0.12 -0.45 20.90
N GLU A 181 -0.12 -1.50 21.68
CA GLU A 181 0.86 -2.05 22.61
C GLU A 181 2.16 -2.47 21.91
N SER A 182 2.03 -2.99 20.70
CA SER A 182 3.19 -3.40 19.91
C SER A 182 3.86 -2.21 19.21
N GLY A 183 3.35 -1.00 19.49
CA GLY A 183 3.92 0.23 18.97
C GLY A 183 3.54 0.54 17.52
N VAL A 184 2.39 0.03 17.07
CA VAL A 184 1.92 0.25 15.70
C VAL A 184 0.89 1.36 15.66
N ARG A 185 0.98 2.19 14.62
CA ARG A 185 0.09 3.33 14.46
C ARG A 185 -0.53 3.30 13.07
N LEU A 186 -1.86 3.31 13.01
CA LEU A 186 -2.55 3.18 11.74
C LEU A 186 -2.59 4.49 10.95
N VAL A 187 -2.27 4.41 9.67
CA VAL A 187 -2.56 5.48 8.72
C VAL A 187 -3.62 4.93 7.77
N VAL A 188 -4.78 5.61 7.74
CA VAL A 188 -5.95 5.13 7.03
C VAL A 188 -6.63 6.29 6.28
N PRO A 189 -6.91 6.10 4.97
CA PRO A 189 -7.55 7.12 4.15
C PRO A 189 -8.80 7.69 4.81
N SER A 190 -8.84 9.01 4.91
CA SER A 190 -9.91 9.73 5.62
C SER A 190 -11.28 9.05 5.51
N SER A 191 -11.68 8.74 4.27
CA SER A 191 -12.98 8.15 3.96
C SER A 191 -13.32 6.84 4.67
N LEU A 192 -12.28 6.04 4.98
CA LEU A 192 -12.50 4.72 5.58
C LEU A 192 -12.64 4.75 7.10
N HIS A 193 -12.39 5.90 7.71
CA HIS A 193 -12.43 6.05 9.16
C HIS A 193 -13.75 5.60 9.79
N LYS A 194 -14.87 5.86 9.12
CA LYS A 194 -16.21 5.52 9.64
C LYS A 194 -16.46 4.01 9.83
N LYS A 195 -15.61 3.18 9.22
CA LYS A 195 -15.71 1.73 9.33
C LYS A 195 -15.02 1.21 10.60
N TYR A 196 -14.15 2.04 11.16
CA TYR A 196 -13.42 1.72 12.39
C TYR A 196 -14.26 2.08 13.62
N PRO A 197 -14.20 1.26 14.68
CA PRO A 197 -14.90 1.54 15.93
C PRO A 197 -14.65 2.97 16.41
N GLU A 198 -15.67 3.57 17.01
CA GLU A 198 -15.63 4.97 17.45
C GLU A 198 -14.42 5.26 18.34
N ALA A 199 -14.13 4.34 19.26
CA ALA A 199 -12.98 4.46 20.16
C ALA A 199 -11.63 4.53 19.43
N VAL A 200 -11.55 3.86 18.28
CA VAL A 200 -10.32 3.81 17.48
C VAL A 200 -10.16 5.04 16.57
N ARG A 201 -11.26 5.47 15.96
CA ARG A 201 -11.30 6.63 15.05
C ARG A 201 -10.44 7.82 15.46
N ALA A 202 -10.34 8.05 16.77
CA ALA A 202 -9.63 9.20 17.31
C ALA A 202 -8.12 9.17 17.05
N GLU A 203 -7.53 7.98 17.13
CA GLU A 203 -6.09 7.80 17.01
C GLU A 203 -5.63 7.45 15.59
N LEU A 204 -6.56 7.49 14.65
CA LEU A 204 -6.32 7.15 13.24
C LEU A 204 -5.74 8.37 12.49
N MET A 205 -4.65 8.15 11.75
CA MET A 205 -4.07 9.20 10.90
C MET A 205 -4.56 9.08 9.45
N THR A 206 -4.72 10.22 8.78
CA THR A 206 -5.00 10.24 7.36
C THR A 206 -3.68 10.30 6.60
N LEU A 207 -3.72 9.98 5.31
CA LEU A 207 -2.55 10.09 4.46
C LEU A 207 -2.03 11.53 4.45
N GLY A 208 -2.94 12.49 4.38
CA GLY A 208 -2.60 13.91 4.35
C GLY A 208 -1.80 14.34 5.57
N ALA A 209 -2.27 13.94 6.74
CA ALA A 209 -1.60 14.24 8.00
C ALA A 209 -0.21 13.60 8.09
N PHE A 210 -0.10 12.37 7.60
CA PHE A 210 1.19 11.65 7.58
C PHE A 210 2.21 12.43 6.77
N ILE A 211 1.82 12.82 5.57
CA ILE A 211 2.69 13.54 4.63
C ILE A 211 3.09 14.88 5.22
N ALA A 212 2.12 15.58 5.81
CA ALA A 212 2.35 16.88 6.44
C ALA A 212 3.31 16.79 7.63
N GLU A 213 3.14 15.78 8.48
CA GLU A 213 4.05 15.56 9.61
C GLU A 213 5.49 15.36 9.16
N LEU A 214 5.68 14.45 8.23
CA LEU A 214 7.00 14.10 7.73
C LEU A 214 7.63 15.21 6.90
N THR A 215 6.82 15.92 6.12
CA THR A 215 7.31 17.05 5.32
C THR A 215 7.96 18.10 6.22
N GLY A 216 7.29 18.47 7.30
CA GLY A 216 7.82 19.41 8.27
C GLY A 216 9.00 18.86 9.03
N LEU A 217 8.93 17.57 9.37
CA LEU A 217 9.98 16.90 10.12
C LEU A 217 11.32 16.87 9.37
N TYR A 218 11.26 16.79 8.04
CA TYR A 218 12.47 16.69 7.22
C TYR A 218 12.70 17.89 6.30
N ALA A 219 12.04 19.02 6.58
CA ALA A 219 12.18 20.22 5.77
C ALA A 219 13.59 20.80 5.84
N ASP A 220 14.26 20.52 6.96
CA ASP A 220 15.62 20.99 7.21
C ASP A 220 16.70 20.04 6.64
N ILE A 221 16.28 19.04 5.85
CA ILE A 221 17.21 18.11 5.20
C ILE A 221 17.29 18.40 3.70
N PRO A 222 18.52 18.52 3.14
CA PRO A 222 18.74 18.86 1.73
C PRO A 222 17.91 18.01 0.76
C1 GOL D . -13.09 -9.10 7.54
O1 GOL D . -11.89 -9.37 8.21
C2 GOL D . -12.93 -9.31 6.04
O2 GOL D . -11.65 -8.89 5.60
C3 GOL D . -13.16 -10.77 5.68
O3 GOL D . -13.05 -10.93 4.26
#